data_8UF4
#
_entry.id   8UF4
#
_cell.length_a   44.945
_cell.length_b   86.577
_cell.length_c   128.000
_cell.angle_alpha   90.000
_cell.angle_beta   90.000
_cell.angle_gamma   90.000
#
_symmetry.space_group_name_H-M   'P 21 21 21'
#
loop_
_entity.id
_entity.type
_entity.pdbx_description
1 polymer a-dystroglycan
2 polymer Beta-dystroglycan
3 non-polymer 'CALCIUM ION'
4 non-polymer 'CHLORIDE ION'
5 water water
#
loop_
_entity_poly.entity_id
_entity_poly.type
_entity_poly.pdbx_seq_one_letter_code
_entity_poly.pdbx_strand_id
1 'polypeptide(L)'
;GEPNQRPELKNHIDRVDAWVGTYFEVKIPSDTFYDHEDTTTDKLKLTLKLREQQLVGEKSWVQFNSNSQLMYGLPDSSHV
GKHEYFMHATDKGGLSAVDAFEIHVHRRPQGDRAPARFKAKFVGDPALVLNDIHKKIALVKKLAFAFGDRNCSTITLQNI
TRG
;
A,C
2 'polypeptide(L)'
;SIVVEWTNNTLPLEPCPKEQIAGLSRRIAEDDGKPRPAFSNALEPDFKATSITVTGSGSCRHLQFIPVVPPRRVPSEAPP
TEVPDRDPEKSSEDD
;
B,D
#
# COMPACT_ATOMS: atom_id res chain seq x y z
N GLY A 1 30.64 -9.62 36.73
CA GLY A 1 30.14 -9.30 38.06
C GLY A 1 28.84 -10.01 38.38
N GLU A 2 27.94 -10.01 37.42
CA GLU A 2 26.62 -10.59 37.55
C GLU A 2 26.37 -11.59 36.43
N PRO A 3 25.58 -12.64 36.70
CA PRO A 3 25.35 -13.66 35.67
C PRO A 3 24.41 -13.15 34.58
N ASN A 4 24.78 -13.40 33.32
CA ASN A 4 23.92 -13.05 32.19
C ASN A 4 22.53 -13.63 32.38
N GLN A 5 21.52 -12.80 32.21
CA GLN A 5 20.14 -13.26 32.27
C GLN A 5 19.66 -13.53 30.85
N ARG A 6 18.81 -14.54 30.71
CA ARG A 6 18.38 -14.92 29.38
C ARG A 6 17.36 -13.91 28.84
N PRO A 7 17.44 -13.58 27.55
CA PRO A 7 16.42 -12.74 26.95
C PRO A 7 15.07 -13.40 27.12
N GLU A 8 14.04 -12.55 27.21
CA GLU A 8 12.67 -12.97 27.47
C GLU A 8 11.77 -12.49 26.34
N LEU A 9 10.67 -13.19 26.17
CA LEU A 9 9.70 -12.90 25.14
C LEU A 9 8.51 -12.22 25.80
N LYS A 10 8.25 -10.97 25.40
CA LYS A 10 7.16 -10.18 25.97
C LYS A 10 5.90 -10.15 25.10
N ASN A 11 6.04 -9.99 23.78
CA ASN A 11 4.89 -9.89 22.89
C ASN A 11 5.09 -10.84 21.72
N HIS A 12 4.31 -11.91 21.70
CA HIS A 12 4.41 -12.90 20.62
C HIS A 12 4.11 -12.27 19.26
N ILE A 13 4.98 -12.52 18.28
CA ILE A 13 4.61 -12.39 16.88
C ILE A 13 3.57 -13.48 16.76
N ASP A 14 2.30 -13.15 16.70
CA ASP A 14 1.31 -14.22 16.72
C ASP A 14 1.16 -14.87 15.36
N ARG A 15 0.81 -14.06 14.36
CA ARG A 15 0.38 -14.52 13.05
C ARG A 15 0.92 -13.55 12.02
N VAL A 16 1.42 -14.08 10.91
CA VAL A 16 1.76 -13.29 9.73
C VAL A 16 0.87 -13.76 8.59
N ASP A 17 0.00 -12.89 8.12
CA ASP A 17 -0.89 -13.21 7.01
C ASP A 17 -0.28 -12.79 5.68
N ALA A 18 -0.22 -13.74 4.74
CA ALA A 18 0.35 -13.51 3.42
C ALA A 18 -0.61 -14.10 2.39
N TRP A 19 -0.41 -13.69 1.12
CA TRP A 19 -1.25 -14.06 -0.02
C TRP A 19 -0.38 -14.52 -1.18
N VAL A 20 -0.90 -15.49 -1.95
CA VAL A 20 -0.18 -16.02 -3.10
C VAL A 20 0.06 -14.93 -4.13
N GLY A 21 1.28 -14.88 -4.67
CA GLY A 21 1.59 -13.90 -5.68
C GLY A 21 1.74 -12.47 -5.19
N THR A 22 1.71 -12.26 -3.88
CA THR A 22 1.68 -10.91 -3.35
C THR A 22 2.82 -10.75 -2.35
N TYR A 23 3.62 -9.70 -2.52
CA TYR A 23 4.72 -9.41 -1.59
C TYR A 23 4.16 -9.09 -0.21
N PHE A 24 4.81 -9.62 0.83
CA PHE A 24 4.47 -9.27 2.20
C PHE A 24 5.73 -8.87 2.96
N GLU A 25 5.56 -8.08 4.03
CA GLU A 25 6.68 -7.52 4.76
C GLU A 25 6.26 -7.37 6.20
N VAL A 26 7.09 -7.83 7.13
CA VAL A 26 6.84 -7.71 8.56
C VAL A 26 8.15 -7.32 9.25
N LYS A 27 8.17 -6.14 9.86
CA LYS A 27 9.33 -5.72 10.64
C LYS A 27 9.12 -6.14 12.08
N ILE A 28 10.10 -6.83 12.64
CA ILE A 28 9.95 -7.42 13.95
C ILE A 28 9.89 -6.27 14.94
N PRO A 29 8.81 -6.19 15.73
CA PRO A 29 8.70 -5.11 16.72
C PRO A 29 9.78 -5.19 17.77
N SER A 30 10.11 -4.02 18.33
CA SER A 30 11.18 -3.92 19.29
C SER A 30 10.75 -4.44 20.66
N ASP A 31 9.44 -4.44 20.96
CA ASP A 31 8.95 -4.96 22.22
C ASP A 31 8.62 -6.44 22.14
N THR A 32 9.09 -7.11 21.08
CA THR A 32 8.93 -8.55 20.99
C THR A 32 9.74 -9.22 22.10
N PHE A 33 11.06 -9.13 22.00
CA PHE A 33 12.00 -9.64 22.99
C PHE A 33 12.50 -8.52 23.89
N TYR A 34 13.00 -8.90 25.06
CA TYR A 34 13.61 -7.93 25.96
C TYR A 34 14.66 -8.63 26.82
N ASP A 35 15.88 -8.10 26.85
CA ASP A 35 16.94 -8.66 27.67
C ASP A 35 17.34 -7.68 28.75
N HIS A 36 17.59 -8.22 29.94
CA HIS A 36 17.93 -7.38 31.09
C HIS A 36 19.16 -6.51 30.80
N GLU A 37 20.18 -7.08 30.14
CA GLU A 37 21.42 -6.36 29.87
C GLU A 37 21.46 -5.68 28.53
N ASP A 38 20.83 -6.26 27.51
CA ASP A 38 20.97 -5.77 26.15
C ASP A 38 19.74 -5.04 25.66
N THR A 39 18.70 -4.89 26.51
CA THR A 39 17.49 -4.12 26.26
C THR A 39 16.60 -4.69 25.15
N THR A 40 16.18 -3.83 24.21
CA THR A 40 15.07 -4.10 23.30
C THR A 40 15.47 -5.03 22.16
N THR A 41 14.50 -5.35 21.30
CA THR A 41 14.71 -6.35 20.26
C THR A 41 15.71 -5.88 19.21
N ASP A 42 15.68 -4.61 18.83
CA ASP A 42 16.64 -4.13 17.84
C ASP A 42 18.08 -4.29 18.30
N LYS A 43 18.33 -4.51 19.61
CA LYS A 43 19.67 -4.64 20.13
C LYS A 43 20.08 -6.10 20.31
N LEU A 44 19.30 -7.03 19.77
CA LEU A 44 19.56 -8.45 19.85
C LEU A 44 19.78 -8.99 18.44
N LYS A 45 20.43 -10.16 18.35
CA LYS A 45 20.63 -10.83 17.08
C LYS A 45 19.47 -11.77 16.81
N LEU A 46 18.72 -11.50 15.75
CA LEU A 46 17.55 -12.29 15.39
C LEU A 46 17.87 -13.24 14.26
N THR A 47 17.37 -14.48 14.37
CA THR A 47 17.55 -15.47 13.33
C THR A 47 16.25 -16.24 13.13
N LEU A 48 15.78 -16.33 11.89
CA LEU A 48 14.54 -17.04 11.58
C LEU A 48 14.88 -18.48 11.20
N LYS A 49 14.17 -19.43 11.78
CA LYS A 49 14.43 -20.83 11.55
C LYS A 49 13.12 -21.53 11.23
N LEU A 50 13.18 -22.50 10.33
CA LEU A 50 12.00 -23.21 9.88
C LEU A 50 11.89 -24.61 10.49
N GLN A 53 13.59 -27.41 4.56
CA GLN A 53 13.75 -27.69 3.14
C GLN A 53 14.71 -26.67 2.51
N GLN A 54 15.41 -27.06 1.43
CA GLN A 54 15.98 -26.15 0.42
C GLN A 54 16.42 -26.84 -0.85
N LEU A 55 17.50 -26.28 -1.43
CA LEU A 55 18.28 -26.81 -2.53
C LEU A 55 19.48 -25.86 -2.59
N VAL A 56 20.20 -25.75 -3.71
CA VAL A 56 21.36 -24.85 -3.70
C VAL A 56 20.94 -23.38 -3.70
N GLY A 57 19.85 -23.03 -4.40
CA GLY A 57 19.41 -21.65 -4.49
C GLY A 57 18.47 -21.24 -3.38
N GLU A 58 18.58 -19.96 -2.96
CA GLU A 58 17.77 -19.46 -1.86
C GLU A 58 16.32 -19.30 -2.30
N LYS A 59 15.68 -20.42 -2.58
CA LYS A 59 14.33 -20.47 -3.15
C LYS A 59 13.26 -20.43 -2.08
N SER A 60 13.62 -20.08 -0.85
CA SER A 60 12.62 -19.99 0.19
C SER A 60 11.71 -18.80 -0.09
N TRP A 61 10.40 -19.04 -0.05
CA TRP A 61 9.45 -17.97 -0.28
C TRP A 61 9.41 -16.99 0.86
N VAL A 62 10.03 -17.30 1.99
CA VAL A 62 10.19 -16.35 3.11
C VAL A 62 11.67 -16.04 3.22
N GLN A 63 12.00 -14.78 3.46
CA GLN A 63 13.37 -14.36 3.71
C GLN A 63 13.40 -13.51 4.99
N PHE A 64 14.59 -13.38 5.58
CA PHE A 64 14.76 -12.59 6.79
C PHE A 64 16.11 -11.90 6.76
N ASN A 65 16.11 -10.57 6.81
CA ASN A 65 17.32 -9.76 7.00
C ASN A 65 17.57 -9.53 8.48
N SER A 66 18.67 -10.06 9.01
CA SER A 66 18.94 -9.87 10.42
C SER A 66 19.34 -8.43 10.75
N ASN A 67 19.95 -7.72 9.79
CA ASN A 67 20.43 -6.36 10.07
C ASN A 67 19.28 -5.38 10.24
N SER A 68 18.31 -5.44 9.34
CA SER A 68 17.12 -4.61 9.44
C SER A 68 16.02 -5.25 10.27
N GLN A 69 16.18 -6.52 10.64
CA GLN A 69 15.16 -7.26 11.36
C GLN A 69 13.83 -7.22 10.62
N LEU A 70 13.90 -7.45 9.31
CA LEU A 70 12.78 -7.36 8.40
C LEU A 70 12.51 -8.74 7.82
N MET A 71 11.27 -9.21 7.94
CA MET A 71 10.84 -10.47 7.34
C MET A 71 9.98 -10.18 6.13
N TYR A 72 10.28 -10.85 5.02
CA TYR A 72 9.58 -10.57 3.76
C TYR A 72 9.55 -11.84 2.93
N GLY A 73 8.76 -11.81 1.87
CA GLY A 73 8.66 -12.96 1.01
C GLY A 73 7.54 -12.81 0.00
N LEU A 74 7.26 -13.92 -0.70
CA LEU A 74 6.36 -13.96 -1.84
C LEU A 74 5.98 -15.39 -2.15
N PRO A 75 4.84 -15.87 -1.68
CA PRO A 75 4.49 -17.28 -1.84
C PRO A 75 3.80 -17.57 -3.15
N ASP A 76 3.87 -18.84 -3.57
CA ASP A 76 3.21 -19.27 -4.80
C ASP A 76 2.02 -20.14 -4.44
N SER A 77 1.47 -20.86 -5.42
CA SER A 77 0.26 -21.63 -5.17
C SER A 77 0.53 -22.82 -4.26
N SER A 78 1.75 -23.36 -4.29
CA SER A 78 2.07 -24.54 -3.51
C SER A 78 2.32 -24.24 -2.05
N HIS A 79 2.25 -22.97 -1.63
CA HIS A 79 2.52 -22.62 -0.25
C HIS A 79 1.24 -22.25 0.50
N VAL A 80 0.07 -22.38 -0.11
CA VAL A 80 -1.16 -22.04 0.58
C VAL A 80 -1.28 -22.91 1.81
N GLY A 81 -1.79 -22.34 2.91
CA GLY A 81 -1.94 -23.06 4.16
C GLY A 81 -1.09 -22.49 5.26
N LYS A 82 -1.07 -23.19 6.39
CA LYS A 82 -0.38 -22.70 7.59
C LYS A 82 1.03 -23.24 7.67
N HIS A 83 1.96 -22.38 8.07
CA HIS A 83 3.38 -22.68 8.21
C HIS A 83 3.83 -22.23 9.59
N GLU A 84 4.62 -23.06 10.29
CA GLU A 84 5.12 -22.70 11.61
C GLU A 84 6.60 -22.32 11.51
N TYR A 85 6.94 -21.12 11.98
CA TYR A 85 8.34 -20.72 12.04
C TYR A 85 8.73 -20.39 13.47
N PHE A 86 10.05 -20.23 13.68
CA PHE A 86 10.61 -19.95 15.01
C PHE A 86 11.57 -18.77 14.92
N MET A 87 11.33 -17.73 15.70
CA MET A 87 12.19 -16.55 15.72
C MET A 87 13.11 -16.63 16.95
N HIS A 88 14.41 -16.73 16.71
CA HIS A 88 15.43 -16.85 17.74
C HIS A 88 16.06 -15.49 18.01
N ALA A 89 16.18 -15.12 19.28
CA ALA A 89 16.81 -13.87 19.70
C ALA A 89 17.96 -14.20 20.65
N THR A 90 19.18 -13.87 20.24
CA THR A 90 20.37 -14.21 21.01
C THR A 90 21.02 -12.93 21.50
N ASP A 91 21.42 -12.89 22.77
CA ASP A 91 22.03 -11.70 23.34
C ASP A 91 23.54 -11.76 23.16
N LYS A 92 24.24 -10.79 23.73
CA LYS A 92 25.69 -10.71 23.55
C LYS A 92 26.41 -11.86 24.23
N GLY A 93 25.80 -12.50 25.24
CA GLY A 93 26.42 -13.61 25.94
C GLY A 93 26.18 -14.96 25.32
N GLY A 94 25.29 -15.05 24.33
CA GLY A 94 24.99 -16.29 23.67
C GLY A 94 23.69 -16.94 24.09
N LEU A 95 22.94 -16.35 25.02
CA LEU A 95 21.67 -16.93 25.45
C LEU A 95 20.57 -16.57 24.47
N SER A 96 19.55 -17.42 24.36
CA SER A 96 18.54 -17.24 23.31
C SER A 96 17.12 -17.35 23.86
N ALA A 97 16.21 -16.67 23.19
CA ALA A 97 14.79 -16.91 23.40
C ALA A 97 14.16 -17.18 22.05
N VAL A 98 13.09 -17.94 22.05
CA VAL A 98 12.48 -18.42 20.81
C VAL A 98 11.01 -18.09 20.85
N ASP A 99 10.51 -17.57 19.75
CA ASP A 99 9.08 -17.27 19.57
C ASP A 99 8.57 -18.10 18.40
N ALA A 100 7.67 -19.03 18.68
CA ALA A 100 7.06 -19.82 17.61
C ALA A 100 5.85 -19.05 17.09
N PHE A 101 5.83 -18.80 15.79
CA PHE A 101 4.74 -18.05 15.17
C PHE A 101 4.32 -18.76 13.90
N GLU A 102 3.22 -18.30 13.33
CA GLU A 102 2.63 -19.01 12.20
C GLU A 102 2.39 -18.03 11.06
N ILE A 103 2.75 -18.44 9.85
CA ILE A 103 2.48 -17.71 8.63
C ILE A 103 1.39 -18.45 7.86
N HIS A 104 0.24 -17.81 7.68
CA HIS A 104 -0.86 -18.43 6.95
C HIS A 104 -0.95 -17.75 5.59
N VAL A 105 -0.60 -18.49 4.54
CA VAL A 105 -0.67 -18.05 3.16
C VAL A 105 -2.05 -18.36 2.59
N HIS A 106 -2.79 -17.31 2.24
CA HIS A 106 -4.13 -17.48 1.70
C HIS A 106 -4.06 -17.60 0.18
N ARG A 107 -5.18 -17.97 -0.42
CA ARG A 107 -5.28 -18.07 -1.86
C ARG A 107 -5.22 -16.68 -2.49
N ARG A 108 -4.96 -16.65 -3.80
CA ARG A 108 -4.76 -15.37 -4.49
C ARG A 108 -5.96 -14.46 -4.29
N PRO A 109 -5.75 -13.20 -3.93
CA PRO A 109 -6.90 -12.29 -3.73
C PRO A 109 -7.77 -12.25 -4.97
N GLN A 110 -9.09 -12.22 -4.75
CA GLN A 110 -10.10 -12.08 -5.79
C GLN A 110 -10.27 -13.32 -6.66
N GLY A 111 -9.34 -14.26 -6.59
CA GLY A 111 -9.51 -15.52 -7.31
C GLY A 111 -9.58 -15.36 -8.82
N ASP A 112 -10.73 -15.70 -9.39
CA ASP A 112 -11.00 -15.55 -10.82
C ASP A 112 -12.03 -14.48 -11.12
N ARG A 113 -12.51 -13.79 -10.10
CA ARG A 113 -13.41 -12.68 -10.31
C ARG A 113 -12.68 -11.35 -10.42
N ALA A 114 -11.40 -11.39 -10.77
CA ALA A 114 -10.64 -10.17 -10.96
C ALA A 114 -11.15 -9.45 -12.19
N PRO A 115 -11.33 -8.12 -12.13
CA PRO A 115 -11.94 -7.41 -13.26
C PRO A 115 -11.04 -7.31 -14.48
N ALA A 116 -9.73 -7.51 -14.32
CA ALA A 116 -8.82 -7.32 -15.43
C ALA A 116 -7.60 -8.21 -15.26
N ARG A 117 -7.07 -8.68 -16.37
CA ARG A 117 -5.84 -9.48 -16.39
C ARG A 117 -4.80 -8.72 -17.19
N PHE A 118 -3.71 -8.31 -16.54
CA PHE A 118 -2.68 -7.59 -17.26
C PHE A 118 -1.60 -8.58 -17.68
N LYS A 119 -1.09 -8.41 -18.89
CA LYS A 119 0.04 -9.17 -19.40
C LYS A 119 1.09 -8.20 -19.90
N ALA A 120 2.35 -8.58 -19.73
CA ALA A 120 3.47 -7.81 -20.26
C ALA A 120 4.57 -8.76 -20.69
N LYS A 121 5.20 -8.47 -21.82
CA LYS A 121 6.29 -9.31 -22.32
C LYS A 121 7.61 -8.60 -22.11
N PHE A 122 8.58 -9.30 -21.53
CA PHE A 122 9.89 -8.73 -21.36
C PHE A 122 10.89 -9.58 -22.13
N VAL A 123 12.13 -9.09 -22.18
CA VAL A 123 13.24 -9.75 -22.87
C VAL A 123 14.02 -10.59 -21.87
N GLY A 124 14.40 -11.80 -22.27
CA GLY A 124 15.21 -12.67 -21.45
C GLY A 124 14.55 -14.01 -21.19
N ASP A 125 15.10 -14.72 -20.20
CA ASP A 125 14.67 -16.07 -19.87
C ASP A 125 13.89 -16.04 -18.58
N PRO A 126 12.71 -16.69 -18.51
CA PRO A 126 11.94 -16.67 -17.25
C PRO A 126 12.68 -17.31 -16.07
N ALA A 127 13.81 -17.97 -16.30
CA ALA A 127 14.53 -18.63 -15.21
C ALA A 127 15.07 -17.62 -14.19
N LEU A 128 15.50 -16.45 -14.65
CA LEU A 128 16.02 -15.45 -13.72
C LEU A 128 15.00 -15.02 -12.66
N VAL A 129 13.71 -15.17 -12.92
CA VAL A 129 12.66 -14.86 -11.93
C VAL A 129 12.09 -16.12 -11.28
N LEU A 130 11.75 -17.13 -12.07
CA LEU A 130 11.13 -18.33 -11.51
C LEU A 130 12.10 -19.17 -10.68
N ASN A 131 13.39 -18.86 -10.69
CA ASN A 131 14.33 -19.47 -9.76
C ASN A 131 14.73 -18.54 -8.63
N ASP A 132 14.92 -17.26 -8.91
CA ASP A 132 15.43 -16.32 -7.91
C ASP A 132 14.25 -15.59 -7.29
N ILE A 133 13.98 -15.89 -6.02
CA ILE A 133 12.88 -15.26 -5.31
C ILE A 133 13.08 -13.75 -5.18
N HIS A 134 14.34 -13.30 -5.13
CA HIS A 134 14.60 -11.87 -4.99
C HIS A 134 14.30 -11.11 -6.28
N LYS A 135 14.66 -11.70 -7.43
CA LYS A 135 14.25 -11.11 -8.70
C LYS A 135 12.74 -11.11 -8.84
N LYS A 136 12.09 -12.16 -8.39
CA LYS A 136 10.63 -12.20 -8.48
C LYS A 136 9.99 -11.19 -7.53
N ILE A 137 10.63 -10.93 -6.38
CA ILE A 137 10.19 -9.87 -5.49
C ILE A 137 10.41 -8.51 -6.15
N ALA A 138 11.54 -8.35 -6.81
CA ALA A 138 11.78 -7.08 -7.50
C ALA A 138 10.71 -6.83 -8.56
N LEU A 139 10.38 -7.85 -9.33
CA LEU A 139 9.35 -7.72 -10.36
C LEU A 139 8.05 -7.15 -9.79
N VAL A 140 7.56 -7.75 -8.69
CA VAL A 140 6.25 -7.37 -8.18
C VAL A 140 6.29 -5.98 -7.56
N LYS A 141 7.42 -5.60 -6.97
CA LYS A 141 7.54 -4.27 -6.37
C LYS A 141 7.67 -3.20 -7.43
N LYS A 142 8.36 -3.51 -8.53
CA LYS A 142 8.48 -2.56 -9.62
C LYS A 142 7.19 -2.43 -10.41
N LEU A 143 6.41 -3.51 -10.56
CA LEU A 143 5.11 -3.39 -11.22
C LEU A 143 4.16 -2.51 -10.41
N ALA A 144 4.23 -2.60 -9.09
CA ALA A 144 3.44 -1.68 -8.25
C ALA A 144 3.92 -0.24 -8.41
N PHE A 145 5.23 -0.05 -8.56
CA PHE A 145 5.76 1.28 -8.74
C PHE A 145 5.32 1.87 -10.09
N ALA A 146 5.15 1.01 -11.09
CA ALA A 146 4.69 1.46 -12.40
C ALA A 146 3.27 2.02 -12.37
N PHE A 147 2.47 1.66 -11.36
CA PHE A 147 1.12 2.19 -11.23
C PHE A 147 1.05 3.34 -10.25
N GLY A 148 2.20 3.81 -9.73
CA GLY A 148 2.23 4.90 -8.78
C GLY A 148 1.99 4.49 -7.34
N ASP A 149 2.13 3.21 -7.04
CA ASP A 149 1.77 2.66 -5.73
C ASP A 149 3.00 2.40 -4.88
N ARG A 150 4.00 3.25 -5.03
CA ARG A 150 5.25 3.20 -4.29
C ARG A 150 5.73 1.79 -3.98
N ASN A 151 5.83 1.49 -2.69
CA ASN A 151 6.34 0.22 -2.23
C ASN A 151 5.22 -0.56 -1.55
N CYS A 152 4.13 -0.79 -2.28
CA CYS A 152 2.94 -1.43 -1.75
C CYS A 152 2.66 -2.73 -2.48
N SER A 153 1.90 -3.59 -1.82
CA SER A 153 1.56 -4.91 -2.34
C SER A 153 0.26 -4.89 -3.13
N THR A 154 0.04 -3.88 -3.96
CA THR A 154 -1.16 -3.77 -4.79
C THR A 154 -1.12 -4.59 -6.06
N ILE A 155 -0.10 -5.42 -6.24
CA ILE A 155 0.06 -6.28 -7.41
C ILE A 155 0.04 -7.72 -6.96
N THR A 156 -0.75 -8.55 -7.64
CA THR A 156 -0.81 -9.98 -7.37
C THR A 156 -0.37 -10.72 -8.63
N LEU A 157 0.76 -11.42 -8.52
CA LEU A 157 1.33 -12.15 -9.64
C LEU A 157 0.42 -13.34 -9.96
N GLN A 158 0.03 -13.47 -11.23
CA GLN A 158 -0.87 -14.55 -11.65
C GLN A 158 -0.16 -15.70 -12.36
N ASN A 159 0.84 -15.41 -13.18
CA ASN A 159 1.58 -16.45 -13.87
C ASN A 159 2.81 -15.82 -14.51
N ILE A 160 3.85 -16.62 -14.69
CA ILE A 160 5.04 -16.24 -15.44
C ILE A 160 5.39 -17.40 -16.36
N THR A 161 5.44 -17.13 -17.67
CA THR A 161 5.65 -18.18 -18.67
C THR A 161 6.54 -17.64 -19.79
N ARG A 162 6.47 -18.29 -20.95
CA ARG A 162 7.34 -17.94 -22.08
C ARG A 162 6.49 -17.52 -23.27
N SER B 1 11.65 -14.88 -24.21
CA SER B 1 10.80 -13.78 -23.76
C SER B 1 10.09 -14.15 -22.48
N ILE B 2 9.77 -13.16 -21.65
CA ILE B 2 9.14 -13.38 -20.35
C ILE B 2 7.78 -12.71 -20.38
N VAL B 3 6.71 -13.51 -20.41
CA VAL B 3 5.34 -12.99 -20.33
C VAL B 3 4.88 -13.09 -18.88
N VAL B 4 4.59 -11.95 -18.27
CA VAL B 4 4.15 -11.86 -16.89
C VAL B 4 2.68 -11.44 -16.88
N GLU B 5 1.85 -12.19 -16.14
CA GLU B 5 0.44 -11.87 -15.94
C GLU B 5 0.22 -11.51 -14.48
N TRP B 6 -0.54 -10.43 -14.23
CA TRP B 6 -0.78 -10.02 -12.85
C TRP B 6 -2.15 -9.37 -12.76
N THR B 7 -2.60 -9.15 -11.52
CA THR B 7 -3.82 -8.40 -11.25
C THR B 7 -3.56 -7.31 -10.22
N ASN B 8 -4.28 -6.19 -10.33
CA ASN B 8 -4.22 -5.15 -9.31
C ASN B 8 -5.31 -5.45 -8.29
N ASN B 9 -4.90 -5.88 -7.12
CA ASN B 9 -5.83 -6.44 -6.16
C ASN B 9 -6.61 -5.38 -5.38
N THR B 10 -6.44 -4.12 -5.74
CA THR B 10 -7.22 -3.04 -5.20
C THR B 10 -8.47 -2.73 -6.03
N LEU B 11 -8.64 -3.34 -7.20
CA LEU B 11 -9.78 -3.06 -8.05
C LEU B 11 -11.04 -3.70 -7.48
N PRO B 12 -12.18 -2.99 -7.50
CA PRO B 12 -13.43 -3.59 -7.02
C PRO B 12 -13.95 -4.67 -7.95
N LEU B 13 -14.69 -5.61 -7.38
CA LEU B 13 -15.12 -6.78 -8.13
C LEU B 13 -16.38 -6.47 -8.93
N GLU B 14 -17.36 -5.83 -8.30
CA GLU B 14 -18.63 -5.54 -8.95
C GLU B 14 -19.11 -4.16 -8.50
N PRO B 15 -19.72 -3.39 -9.40
CA PRO B 15 -19.93 -3.68 -10.83
C PRO B 15 -18.61 -3.54 -11.59
N CYS B 16 -18.57 -3.87 -12.87
CA CYS B 16 -17.37 -3.76 -13.69
C CYS B 16 -16.75 -2.37 -13.62
N PRO B 17 -15.61 -2.21 -12.95
CA PRO B 17 -14.98 -0.88 -12.87
C PRO B 17 -14.17 -0.57 -14.12
N LYS B 18 -14.87 -0.52 -15.26
CA LYS B 18 -14.23 -0.31 -16.56
C LYS B 18 -13.50 1.03 -16.63
N GLU B 19 -14.01 2.04 -15.93
CA GLU B 19 -13.37 3.36 -15.97
C GLU B 19 -12.07 3.36 -15.18
N GLN B 20 -11.99 2.61 -14.06
CA GLN B 20 -10.73 2.56 -13.33
C GLN B 20 -9.68 1.77 -14.10
N ILE B 21 -10.09 0.64 -14.71
CA ILE B 21 -9.15 -0.17 -15.46
C ILE B 21 -8.60 0.61 -16.65
N ALA B 22 -9.45 1.45 -17.27
CA ALA B 22 -9.01 2.27 -18.38
C ALA B 22 -7.93 3.23 -17.95
N GLY B 23 -8.17 3.99 -16.87
CA GLY B 23 -7.15 4.88 -16.35
C GLY B 23 -5.85 4.18 -16.05
N LEU B 24 -5.92 3.04 -15.35
CA LEU B 24 -4.72 2.26 -15.09
C LEU B 24 -4.08 1.77 -16.38
N SER B 25 -4.88 1.55 -17.41
CA SER B 25 -4.36 1.05 -18.68
C SER B 25 -3.52 2.09 -19.41
N ARG B 26 -4.03 3.33 -19.51
CA ARG B 26 -3.35 4.39 -20.25
C ARG B 26 -2.15 4.94 -19.50
N ARG B 27 -2.00 4.67 -18.21
CA ARG B 27 -0.84 5.14 -17.46
C ARG B 27 0.39 4.30 -17.71
N ILE B 28 0.20 3.02 -18.01
CA ILE B 28 1.33 2.14 -18.31
C ILE B 28 1.44 1.82 -19.80
N ALA B 29 0.39 2.01 -20.58
CA ALA B 29 0.46 1.70 -22.00
C ALA B 29 -0.20 2.82 -22.80
N GLU B 30 0.21 2.95 -24.06
CA GLU B 30 -0.35 3.96 -24.95
C GLU B 30 -1.61 3.36 -25.57
N ASP B 31 -2.10 3.92 -26.69
CA ASP B 31 -3.30 3.35 -27.28
C ASP B 31 -3.05 1.93 -27.80
N ASP B 32 -1.88 1.69 -28.36
CA ASP B 32 -1.50 0.36 -28.82
C ASP B 32 -0.78 -0.37 -27.69
N GLY B 33 0.03 -1.37 -28.02
CA GLY B 33 0.76 -2.16 -27.03
C GLY B 33 1.98 -1.50 -26.42
N LYS B 34 2.36 -0.34 -26.91
CA LYS B 34 3.64 0.30 -26.56
C LYS B 34 3.65 0.68 -25.08
N PRO B 35 4.62 0.23 -24.30
CA PRO B 35 4.70 0.66 -22.89
C PRO B 35 5.15 2.11 -22.78
N ARG B 36 4.53 2.81 -21.84
CA ARG B 36 4.88 4.20 -21.56
C ARG B 36 6.14 4.29 -20.71
N PRO B 37 6.81 5.44 -20.72
CA PRO B 37 8.05 5.56 -19.92
C PRO B 37 7.85 5.33 -18.44
N ALA B 38 6.68 5.66 -17.88
CA ALA B 38 6.46 5.41 -16.45
C ALA B 38 6.57 3.92 -16.15
N PHE B 39 6.10 3.08 -17.08
CA PHE B 39 6.21 1.63 -16.91
C PHE B 39 7.64 1.17 -17.22
N SER B 40 8.19 1.64 -18.34
CA SER B 40 9.54 1.25 -18.72
C SER B 40 10.56 1.60 -17.64
N ASN B 41 10.53 2.84 -17.15
CA ASN B 41 11.53 3.27 -16.18
C ASN B 41 11.38 2.55 -14.85
N ALA B 42 10.16 2.13 -14.50
CA ALA B 42 9.99 1.45 -13.22
C ALA B 42 10.58 0.06 -13.26
N LEU B 43 10.43 -0.65 -14.41
CA LEU B 43 10.90 -2.03 -14.51
C LEU B 43 12.40 -2.10 -14.77
N GLU B 44 12.97 -1.09 -15.41
CA GLU B 44 14.41 -1.01 -15.60
C GLU B 44 15.11 -0.95 -14.24
N PRO B 45 16.37 -1.41 -14.15
CA PRO B 45 17.18 -2.05 -15.20
C PRO B 45 16.93 -3.55 -15.32
N ASP B 46 16.20 -4.15 -14.37
CA ASP B 46 16.13 -5.60 -14.32
C ASP B 46 15.30 -6.17 -15.45
N PHE B 47 14.32 -5.43 -15.93
CA PHE B 47 13.37 -5.93 -16.90
C PHE B 47 13.13 -4.86 -17.96
N LYS B 48 13.12 -5.26 -19.21
CA LYS B 48 12.83 -4.35 -20.32
C LYS B 48 11.53 -4.81 -20.98
N ALA B 49 10.49 -3.99 -20.88
CA ALA B 49 9.17 -4.36 -21.39
C ALA B 49 9.11 -4.16 -22.89
N THR B 50 8.44 -5.08 -23.57
CA THR B 50 8.27 -5.00 -25.01
C THR B 50 6.84 -4.67 -25.41
N SER B 51 5.86 -5.37 -24.86
CA SER B 51 4.47 -5.19 -25.25
C SER B 51 3.61 -5.48 -24.03
N ILE B 52 2.52 -4.74 -23.89
CA ILE B 52 1.59 -4.90 -22.78
C ILE B 52 0.21 -5.24 -23.34
N THR B 53 -0.46 -6.20 -22.68
CA THR B 53 -1.79 -6.62 -23.05
C THR B 53 -2.66 -6.62 -21.82
N VAL B 54 -3.84 -5.99 -21.91
CA VAL B 54 -4.77 -5.94 -20.80
C VAL B 54 -6.16 -6.28 -21.31
N THR B 55 -6.69 -7.43 -20.90
CA THR B 55 -8.03 -7.87 -21.29
C THR B 55 -8.90 -7.97 -20.04
N GLY B 56 -10.21 -7.80 -20.22
CA GLY B 56 -11.13 -7.83 -19.10
C GLY B 56 -11.52 -9.23 -18.69
N SER B 57 -12.01 -9.35 -17.46
CA SER B 57 -12.40 -10.64 -16.92
C SER B 57 -13.40 -10.42 -15.79
N GLY B 58 -14.06 -11.50 -15.37
CA GLY B 58 -15.01 -11.39 -14.28
C GLY B 58 -16.14 -10.49 -14.70
N SER B 59 -16.42 -9.45 -13.91
CA SER B 59 -17.48 -8.52 -14.25
C SER B 59 -17.18 -7.72 -15.52
N CYS B 60 -15.92 -7.69 -15.96
CA CYS B 60 -15.53 -7.02 -17.18
C CYS B 60 -15.16 -8.03 -18.26
N ARG B 61 -15.81 -9.20 -18.24
CA ARG B 61 -15.41 -10.31 -19.12
C ARG B 61 -15.52 -9.96 -20.59
N HIS B 62 -16.39 -9.01 -20.95
CA HIS B 62 -16.67 -8.69 -22.33
C HIS B 62 -15.76 -7.60 -22.89
N LEU B 63 -15.14 -6.81 -22.03
CA LEU B 63 -14.36 -5.67 -22.48
C LEU B 63 -12.90 -6.06 -22.69
N GLN B 64 -12.22 -5.28 -23.53
CA GLN B 64 -10.77 -5.33 -23.68
C GLN B 64 -10.24 -3.91 -23.73
N PHE B 65 -9.10 -3.68 -23.04
CA PHE B 65 -8.65 -2.31 -22.80
C PHE B 65 -7.33 -1.97 -23.46
N ILE B 66 -6.40 -2.91 -23.59
CA ILE B 66 -5.18 -2.72 -24.38
C ILE B 66 -4.97 -3.99 -25.21
N PRO B 67 -4.80 -3.91 -26.54
CA PRO B 67 -4.70 -2.72 -27.39
C PRO B 67 -6.00 -1.95 -27.62
N VAL B 68 -5.83 -0.67 -27.97
CA VAL B 68 -6.86 0.35 -28.28
C VAL B 68 -7.80 0.58 -27.10
N PRO C 3 8.73 33.56 -25.74
CA PRO C 3 7.72 32.52 -25.56
C PRO C 3 8.17 31.23 -26.22
N ASN C 4 7.33 30.63 -27.05
CA ASN C 4 7.72 29.46 -27.82
C ASN C 4 6.84 29.26 -29.05
N ARG C 6 3.95 27.25 -28.13
CA ARG C 6 2.99 27.03 -27.04
C ARG C 6 3.27 25.68 -26.41
N PRO C 7 3.29 25.62 -25.06
CA PRO C 7 3.40 24.31 -24.38
C PRO C 7 2.24 23.41 -24.80
N GLU C 8 2.53 22.11 -24.89
CA GLU C 8 1.63 21.17 -25.54
C GLU C 8 1.24 20.02 -24.59
N LEU C 9 0.09 19.40 -24.86
CA LEU C 9 -0.42 18.28 -24.08
C LEU C 9 -0.41 17.00 -24.90
N LYS C 10 0.35 15.99 -24.45
CA LYS C 10 0.43 14.69 -25.12
C LYS C 10 -0.44 13.64 -24.46
N ASN C 11 -0.38 13.53 -23.13
CA ASN C 11 -1.08 12.51 -22.36
C ASN C 11 -1.78 13.18 -21.19
N HIS C 12 -3.10 13.22 -21.28
CA HIS C 12 -3.98 13.75 -20.24
C HIS C 12 -3.76 13.02 -18.91
N ILE C 13 -3.76 13.77 -17.79
CA ILE C 13 -3.67 13.15 -16.46
C ILE C 13 -4.72 12.06 -16.31
N ASP C 14 -5.85 12.23 -16.99
CA ASP C 14 -6.87 11.25 -17.32
C ASP C 14 -7.87 10.93 -16.22
N ARG C 15 -7.43 10.21 -15.20
CA ARG C 15 -8.34 9.76 -14.15
C ARG C 15 -7.53 9.58 -12.89
N VAL C 16 -8.00 10.18 -11.81
CA VAL C 16 -7.51 9.91 -10.47
C VAL C 16 -8.66 9.28 -9.71
N ASP C 17 -8.48 8.01 -9.32
CA ASP C 17 -9.47 7.28 -8.54
C ASP C 17 -9.16 7.45 -7.06
N ALA C 18 -10.13 7.93 -6.31
CA ALA C 18 -9.97 8.16 -4.88
C ALA C 18 -11.16 7.57 -4.12
N TRP C 19 -10.98 7.39 -2.82
CA TRP C 19 -11.99 6.79 -1.96
C TRP C 19 -12.21 7.65 -0.73
N VAL C 20 -13.44 7.66 -0.24
CA VAL C 20 -13.77 8.39 0.98
C VAL C 20 -12.92 7.88 2.14
N GLY C 21 -12.34 8.79 2.91
CA GLY C 21 -11.56 8.45 4.08
C GLY C 21 -10.17 7.87 3.83
N THR C 22 -9.69 7.87 2.59
CA THR C 22 -8.46 7.19 2.23
C THR C 22 -7.54 8.17 1.52
N TYR C 23 -6.29 8.24 1.97
CA TYR C 23 -5.30 9.11 1.37
C TYR C 23 -4.95 8.65 -0.03
N PHE C 24 -4.83 9.60 -0.97
CA PHE C 24 -4.42 9.32 -2.34
C PHE C 24 -3.30 10.25 -2.73
N GLU C 25 -2.51 9.81 -3.71
CA GLU C 25 -1.30 10.53 -4.09
C GLU C 25 -1.07 10.26 -5.56
N VAL C 26 -0.85 11.31 -6.35
CA VAL C 26 -0.58 11.17 -7.78
C VAL C 26 0.54 12.13 -8.12
N LYS C 27 1.66 11.62 -8.54
CA LYS C 27 2.75 12.46 -9.00
C LYS C 27 2.62 12.68 -10.50
N ILE C 28 2.77 13.93 -10.93
CA ILE C 28 2.52 14.30 -12.32
C ILE C 28 3.57 13.70 -13.25
N PRO C 29 3.16 12.90 -14.24
CA PRO C 29 4.14 12.30 -15.17
C PRO C 29 4.83 13.35 -15.99
N SER C 30 6.01 12.98 -16.50
CA SER C 30 6.79 13.87 -17.35
C SER C 30 6.27 13.93 -18.79
N ASP C 31 5.58 12.88 -19.25
CA ASP C 31 5.02 12.88 -20.60
C ASP C 31 3.60 13.45 -20.67
N THR C 32 3.13 14.09 -19.61
CA THR C 32 1.84 14.80 -19.64
C THR C 32 1.94 15.99 -20.59
N PHE C 33 2.71 17.02 -20.21
CA PHE C 33 2.96 18.18 -21.06
C PHE C 33 4.25 17.96 -21.82
N TYR C 34 4.30 18.51 -23.03
CA TYR C 34 5.55 18.47 -23.79
C TYR C 34 5.66 19.74 -24.63
N ASP C 35 6.50 20.67 -24.16
CA ASP C 35 6.81 21.89 -24.91
C ASP C 35 7.86 21.59 -25.99
N HIS C 36 8.00 22.50 -26.95
CA HIS C 36 9.02 22.39 -27.97
C HIS C 36 10.35 23.01 -27.53
N GLU C 37 10.29 24.16 -26.85
CA GLU C 37 11.47 24.88 -26.34
C GLU C 37 11.81 24.51 -24.90
N ASP C 38 10.83 24.10 -24.09
CA ASP C 38 11.10 23.79 -22.69
C ASP C 38 11.05 22.29 -22.38
N THR C 39 10.77 21.44 -23.37
CA THR C 39 10.75 19.98 -23.24
C THR C 39 9.65 19.52 -22.29
N THR C 40 9.95 18.64 -21.33
CA THR C 40 8.97 17.83 -20.59
C THR C 40 8.22 18.63 -19.53
N THR C 41 7.30 17.93 -18.84
CA THR C 41 6.38 18.49 -17.86
C THR C 41 7.08 18.95 -16.58
N ASP C 42 8.37 18.66 -16.44
CA ASP C 42 9.04 18.83 -15.17
C ASP C 42 9.45 20.28 -14.94
N LYS C 43 10.00 20.93 -15.97
CA LYS C 43 10.56 22.27 -15.82
C LYS C 43 9.48 23.35 -15.69
N LEU C 44 8.28 23.08 -16.19
CA LEU C 44 7.21 24.06 -16.27
C LEU C 44 6.63 24.32 -14.87
N LYS C 45 5.95 25.47 -14.73
CA LYS C 45 5.21 25.78 -13.50
C LYS C 45 3.79 25.26 -13.61
N LEU C 46 3.44 24.31 -12.71
CA LEU C 46 2.13 23.70 -12.68
C LEU C 46 1.28 24.29 -11.56
N THR C 47 0.00 24.53 -11.86
CA THR C 47 -0.95 25.07 -10.89
C THR C 47 -2.29 24.35 -11.04
N LEU C 48 -2.84 23.87 -9.93
CA LEU C 48 -4.12 23.16 -9.97
C LEU C 48 -5.26 24.15 -9.75
N LYS C 49 -6.25 24.12 -10.65
CA LYS C 49 -7.34 25.08 -10.69
C LYS C 49 -8.68 24.37 -10.88
N LEU C 50 -9.76 25.04 -10.47
CA LEU C 50 -11.12 24.50 -10.62
C LEU C 50 -11.87 25.16 -11.78
N GLU C 52 -13.00 27.86 -13.34
CA GLU C 52 -12.85 29.24 -13.78
C GLU C 52 -11.54 29.82 -13.23
N GLN C 53 -10.45 29.05 -13.37
CA GLN C 53 -9.12 29.46 -12.91
C GLN C 53 -9.16 29.85 -11.43
N GLN C 54 -9.97 29.13 -10.67
CA GLN C 54 -10.19 29.38 -9.25
C GLN C 54 -9.28 28.45 -8.45
N LEU C 55 -8.27 29.03 -7.80
CA LEU C 55 -7.24 28.23 -7.13
C LEU C 55 -7.82 27.34 -6.04
N VAL C 56 -7.23 26.15 -5.92
CA VAL C 56 -7.53 25.25 -4.81
C VAL C 56 -7.26 25.96 -3.49
N GLY C 57 -8.27 25.95 -2.59
CA GLY C 57 -8.12 26.57 -1.29
C GLY C 57 -7.30 25.75 -0.28
N GLU C 58 -7.06 26.36 0.88
CA GLU C 58 -6.29 25.76 1.96
C GLU C 58 -7.05 24.65 2.67
N LYS C 59 -8.37 24.67 2.65
CA LYS C 59 -9.17 23.62 3.24
C LYS C 59 -9.66 22.60 2.21
N SER C 60 -9.13 22.66 0.99
CA SER C 60 -9.55 21.74 -0.06
C SER C 60 -9.04 20.33 0.18
N TRP C 61 -9.92 19.36 -0.01
CA TRP C 61 -9.53 17.97 0.17
C TRP C 61 -8.54 17.50 -0.87
N VAL C 62 -8.31 18.28 -1.94
CA VAL C 62 -7.23 18.03 -2.90
C VAL C 62 -6.21 19.13 -2.71
N GLN C 63 -4.95 18.75 -2.75
CA GLN C 63 -3.86 19.70 -2.68
C GLN C 63 -2.85 19.40 -3.79
N PHE C 64 -2.00 20.39 -4.07
CA PHE C 64 -0.97 20.26 -5.09
C PHE C 64 0.27 20.99 -4.62
N ASN C 65 1.38 20.28 -4.51
CA ASN C 65 2.67 20.88 -4.24
C ASN C 65 3.31 21.23 -5.58
N SER C 66 3.50 22.52 -5.85
CA SER C 66 4.10 22.88 -7.13
C SER C 66 5.57 22.48 -7.21
N ASN C 67 6.25 22.36 -6.06
CA ASN C 67 7.68 22.03 -6.07
C ASN C 67 7.92 20.59 -6.49
N SER C 68 7.23 19.64 -5.86
CA SER C 68 7.36 18.23 -6.18
C SER C 68 6.44 17.78 -7.30
N GLN C 69 5.53 18.64 -7.76
CA GLN C 69 4.52 18.28 -8.76
C GLN C 69 3.76 17.04 -8.31
N LEU C 70 3.34 17.08 -7.05
CA LEU C 70 2.67 16.00 -6.37
C LEU C 70 1.26 16.48 -6.04
N MET C 71 0.25 15.74 -6.47
CA MET C 71 -1.14 15.99 -6.11
C MET C 71 -1.58 14.94 -5.10
N TYR C 72 -2.17 15.39 -4.00
CA TYR C 72 -2.53 14.49 -2.92
C TYR C 72 -3.78 15.02 -2.23
N GLY C 73 -4.38 14.19 -1.39
CA GLY C 73 -5.57 14.63 -0.68
C GLY C 73 -6.22 13.50 0.11
N LEU C 74 -7.43 13.78 0.57
CA LEU C 74 -8.18 12.93 1.47
C LEU C 74 -9.65 13.33 1.49
N PRO C 75 -10.50 12.67 0.72
CA PRO C 75 -11.91 13.08 0.62
C PRO C 75 -12.80 12.48 1.72
N ASP C 76 -13.90 13.17 1.99
CA ASP C 76 -14.86 12.72 2.97
C ASP C 76 -16.16 12.29 2.27
N SER C 77 -17.23 12.09 3.06
CA SER C 77 -18.46 11.57 2.48
C SER C 77 -19.13 12.57 1.55
N SER C 78 -18.90 13.87 1.76
CA SER C 78 -19.55 14.88 0.95
C SER C 78 -18.91 15.06 -0.44
N HIS C 79 -17.85 14.31 -0.75
CA HIS C 79 -17.16 14.49 -2.02
C HIS C 79 -17.37 13.35 -3.00
N VAL C 80 -18.24 12.39 -2.69
CA VAL C 80 -18.41 11.24 -3.58
C VAL C 80 -18.83 11.75 -4.96
N GLY C 81 -18.36 11.05 -6.01
CA GLY C 81 -18.71 11.38 -7.38
C GLY C 81 -17.52 11.81 -8.20
N LYS C 82 -17.80 12.27 -9.42
CA LYS C 82 -16.77 12.70 -10.36
C LYS C 82 -16.56 14.20 -10.26
N HIS C 83 -15.28 14.60 -10.32
CA HIS C 83 -14.83 15.98 -10.19
C HIS C 83 -13.87 16.27 -11.35
N GLU C 84 -14.02 17.42 -11.98
CA GLU C 84 -13.14 17.82 -13.07
C GLU C 84 -12.21 18.93 -12.58
N TYR C 85 -10.89 18.74 -12.69
CA TYR C 85 -10.00 19.84 -12.38
C TYR C 85 -9.16 20.20 -13.60
N PHE C 86 -8.44 21.33 -13.50
CA PHE C 86 -7.64 21.84 -14.60
C PHE C 86 -6.21 22.12 -14.14
N MET C 87 -5.25 21.47 -14.81
CA MET C 87 -3.84 21.63 -14.52
C MET C 87 -3.25 22.58 -15.52
N HIS C 88 -2.75 23.72 -15.04
CA HIS C 88 -2.15 24.74 -15.89
C HIS C 88 -0.64 24.59 -15.86
N ALA C 89 -0.03 24.63 -17.04
CA ALA C 89 1.42 24.53 -17.23
C ALA C 89 1.87 25.79 -17.95
N THR C 90 2.71 26.57 -17.29
CA THR C 90 3.18 27.84 -17.81
C THR C 90 4.66 27.68 -18.17
N ASP C 91 5.01 28.09 -19.39
CA ASP C 91 6.39 27.95 -19.83
C ASP C 91 7.19 29.19 -19.46
N LYS C 92 8.45 29.19 -19.90
CA LYS C 92 9.34 30.32 -19.72
C LYS C 92 9.13 31.37 -20.78
N GLY C 93 8.20 31.12 -21.69
CA GLY C 93 7.70 32.21 -22.48
C GLY C 93 6.47 32.89 -21.93
N GLY C 94 5.95 32.41 -20.79
CA GLY C 94 4.81 33.02 -20.14
C GLY C 94 3.47 32.47 -20.57
N LEU C 95 3.45 31.78 -21.70
CA LEU C 95 2.27 31.10 -22.19
C LEU C 95 1.86 29.99 -21.21
N SER C 96 0.61 29.52 -21.36
CA SER C 96 0.08 28.48 -20.51
C SER C 96 -0.58 27.42 -21.37
N ALA C 97 -0.58 26.20 -20.86
CA ALA C 97 -1.38 25.11 -21.41
C ALA C 97 -2.20 24.50 -20.28
N VAL C 98 -3.35 23.92 -20.61
CA VAL C 98 -4.31 23.47 -19.62
C VAL C 98 -4.66 22.02 -19.92
N ASP C 99 -4.66 21.18 -18.88
CA ASP C 99 -5.10 19.79 -18.97
C ASP C 99 -6.30 19.59 -18.04
N ALA C 100 -7.45 19.31 -18.63
CA ALA C 100 -8.63 19.01 -17.85
C ALA C 100 -8.61 17.51 -17.53
N PHE C 101 -8.68 17.17 -16.24
CA PHE C 101 -8.62 15.78 -15.78
C PHE C 101 -9.73 15.53 -14.77
N GLU C 102 -9.89 14.26 -14.39
CA GLU C 102 -11.04 13.88 -13.58
C GLU C 102 -10.56 13.18 -12.31
N ILE C 103 -11.13 13.58 -11.17
CA ILE C 103 -10.94 12.87 -9.90
C ILE C 103 -12.29 12.29 -9.53
N HIS C 104 -12.38 10.96 -9.50
CA HIS C 104 -13.61 10.25 -9.19
C HIS C 104 -13.48 9.68 -7.78
N VAL C 105 -14.25 10.25 -6.85
CA VAL C 105 -14.28 9.84 -5.44
C VAL C 105 -15.35 8.76 -5.25
N HIS C 106 -14.92 7.55 -4.94
CA HIS C 106 -15.83 6.45 -4.70
C HIS C 106 -16.21 6.41 -3.23
N ARG C 107 -17.20 5.57 -2.90
CA ARG C 107 -17.55 5.35 -1.51
C ARG C 107 -16.48 4.52 -0.81
N ARG C 108 -16.56 4.47 0.52
CA ARG C 108 -15.52 3.78 1.29
C ARG C 108 -15.43 2.33 0.83
N PRO C 109 -14.21 1.81 0.59
CA PRO C 109 -14.05 0.50 -0.08
C PRO C 109 -14.87 -0.63 0.52
N GLN C 110 -15.12 -0.62 1.84
CA GLN C 110 -15.96 -1.62 2.47
C GLN C 110 -17.29 -1.06 2.98
N GLY C 111 -17.46 0.26 3.02
CA GLY C 111 -18.72 0.86 3.46
C GLY C 111 -19.01 0.61 4.93
N ASP C 112 -20.10 -0.10 5.24
CA ASP C 112 -20.41 -0.48 6.63
C ASP C 112 -20.38 -1.98 6.86
N ARG C 113 -19.99 -2.78 5.86
CA ARG C 113 -19.81 -4.21 6.00
C ARG C 113 -18.36 -4.57 6.40
N ALA C 114 -17.67 -3.63 7.05
CA ALA C 114 -16.30 -3.85 7.48
C ALA C 114 -16.24 -4.84 8.65
N PRO C 115 -15.29 -5.78 8.64
CA PRO C 115 -15.27 -6.83 9.67
C PRO C 115 -14.88 -6.36 11.05
N ALA C 116 -14.24 -5.18 11.15
CA ALA C 116 -13.71 -4.70 12.42
C ALA C 116 -13.72 -3.19 12.39
N ARG C 117 -13.91 -2.57 13.55
CA ARG C 117 -13.85 -1.13 13.72
C ARG C 117 -12.73 -0.80 14.71
N PHE C 118 -11.70 -0.09 14.26
CA PHE C 118 -10.63 0.29 15.19
C PHE C 118 -10.89 1.68 15.72
N LYS C 119 -10.71 1.87 17.01
CA LYS C 119 -10.78 3.18 17.61
C LYS C 119 -9.50 3.42 18.40
N ALA C 120 -9.06 4.68 18.40
CA ALA C 120 -7.92 5.07 19.22
C ALA C 120 -8.21 6.45 19.78
N LYS C 121 -7.82 6.67 21.04
CA LYS C 121 -7.99 7.95 21.71
C LYS C 121 -6.64 8.64 21.83
N PHE C 122 -6.59 9.92 21.44
CA PHE C 122 -5.35 10.69 21.57
C PHE C 122 -5.60 11.90 22.45
N VAL C 123 -4.54 12.64 22.68
CA VAL C 123 -4.59 13.85 23.48
C VAL C 123 -4.82 15.04 22.56
N GLY C 124 -5.83 15.86 22.86
CA GLY C 124 -6.11 17.04 22.08
C GLY C 124 -7.61 17.20 21.88
N ASP C 125 -7.98 18.00 20.87
CA ASP C 125 -9.37 18.28 20.55
C ASP C 125 -9.62 18.01 19.08
N PRO C 126 -10.75 17.38 18.73
CA PRO C 126 -11.00 17.00 17.33
C PRO C 126 -11.02 18.16 16.33
N ALA C 127 -11.12 19.41 16.79
CA ALA C 127 -11.16 20.54 15.86
C ALA C 127 -9.80 20.74 15.18
N LEU C 128 -8.71 20.53 15.92
CA LEU C 128 -7.36 20.65 15.38
C LEU C 128 -7.11 19.66 14.25
N VAL C 129 -7.90 18.61 14.14
CA VAL C 129 -7.79 17.62 13.07
C VAL C 129 -8.85 17.86 11.99
N LEU C 130 -10.10 18.08 12.40
CA LEU C 130 -11.22 18.28 11.49
C LEU C 130 -11.21 19.64 10.80
N ASN C 131 -10.27 20.52 11.15
CA ASN C 131 -10.10 21.77 10.41
C ASN C 131 -8.98 21.71 9.41
N ASP C 132 -7.84 21.11 9.78
CA ASP C 132 -6.67 21.12 8.92
C ASP C 132 -6.64 19.81 8.15
N ILE C 133 -6.80 19.90 6.83
CA ILE C 133 -6.75 18.72 6.00
C ILE C 133 -5.38 18.07 6.09
N HIS C 134 -4.33 18.87 6.31
CA HIS C 134 -2.99 18.28 6.33
C HIS C 134 -2.74 17.53 7.63
N LYS C 135 -3.19 18.08 8.75
CA LYS C 135 -3.09 17.33 10.00
C LYS C 135 -3.89 16.04 9.92
N LYS C 136 -5.06 16.08 9.28
CA LYS C 136 -5.80 14.83 9.12
C LYS C 136 -5.09 13.88 8.14
N ILE C 137 -4.44 14.43 7.11
CA ILE C 137 -3.66 13.59 6.19
C ILE C 137 -2.47 12.95 6.91
N ALA C 138 -1.77 13.69 7.78
CA ALA C 138 -0.72 13.07 8.56
C ALA C 138 -1.26 11.92 9.43
N LEU C 139 -2.36 12.15 10.11
CA LEU C 139 -2.96 11.12 10.95
C LEU C 139 -3.16 9.83 10.17
N VAL C 140 -3.78 9.94 8.99
CA VAL C 140 -4.10 8.74 8.23
C VAL C 140 -2.81 8.07 7.72
N LYS C 141 -1.79 8.86 7.39
CA LYS C 141 -0.56 8.26 6.90
C LYS C 141 0.17 7.56 8.04
N LYS C 142 0.17 8.17 9.22
CA LYS C 142 0.82 7.55 10.36
C LYS C 142 0.04 6.33 10.84
N LEU C 143 -1.28 6.31 10.68
CA LEU C 143 -2.02 5.10 11.02
C LEU C 143 -1.59 3.94 10.14
N ALA C 144 -1.36 4.20 8.86
CA ALA C 144 -0.87 3.12 7.99
C ALA C 144 0.53 2.68 8.39
N PHE C 145 1.38 3.63 8.81
CA PHE C 145 2.73 3.29 9.23
C PHE C 145 2.74 2.44 10.49
N ALA C 146 1.74 2.62 11.36
CA ALA C 146 1.65 1.81 12.56
C ALA C 146 1.43 0.34 12.26
N PHE C 147 0.90 0.01 11.07
CA PHE C 147 0.74 -1.39 10.69
C PHE C 147 1.81 -1.82 9.71
N GLY C 148 2.81 -1.00 9.48
CA GLY C 148 3.86 -1.37 8.56
C GLY C 148 3.50 -1.13 7.12
N ASP C 149 2.46 -0.34 6.86
CA ASP C 149 1.92 -0.08 5.54
C ASP C 149 2.21 1.35 5.07
N ARG C 150 3.38 1.88 5.39
CA ARG C 150 3.68 3.27 5.05
C ARG C 150 3.48 3.57 3.57
N ASN C 151 2.72 4.65 3.31
CA ASN C 151 2.39 5.15 1.98
C ASN C 151 1.66 4.10 1.13
N CYS C 152 0.66 3.45 1.73
CA CYS C 152 -0.12 2.45 1.01
C CYS C 152 -1.61 2.70 1.03
N SER C 153 -2.11 3.51 1.95
CA SER C 153 -3.55 3.77 2.05
C SER C 153 -4.33 2.50 2.38
N THR C 154 -3.78 1.69 3.26
CA THR C 154 -4.52 0.53 3.75
C THR C 154 -5.46 0.90 4.88
N ILE C 155 -5.57 2.19 5.20
CA ILE C 155 -6.38 2.69 6.30
C ILE C 155 -7.47 3.54 5.73
N THR C 156 -8.71 3.30 6.17
CA THR C 156 -9.84 4.14 5.75
C THR C 156 -10.46 4.77 6.99
N LEU C 157 -10.38 6.10 7.05
CA LEU C 157 -10.89 6.85 8.19
C LEU C 157 -12.40 6.74 8.21
N GLN C 158 -12.96 6.35 9.36
CA GLN C 158 -14.40 6.19 9.49
C GLN C 158 -15.06 7.36 10.20
N ASN C 159 -14.40 7.94 11.20
CA ASN C 159 -15.00 9.02 11.98
C ASN C 159 -13.94 9.63 12.87
N ILE C 160 -14.10 10.90 13.21
CA ILE C 160 -13.31 11.57 14.23
C ILE C 160 -14.29 12.31 15.14
N THR C 161 -14.24 11.98 16.44
CA THR C 161 -15.18 12.54 17.41
C THR C 161 -14.41 12.85 18.67
N ARG C 162 -15.05 13.53 19.60
CA ARG C 162 -14.46 13.84 20.89
C ARG C 162 -14.88 12.83 21.93
N GLY C 163 -14.00 12.58 22.89
CA GLY C 163 -14.26 11.68 24.00
C GLY C 163 -13.66 12.20 25.30
N SER D 1 -10.03 15.21 24.41
CA SER D 1 -9.53 13.96 23.86
C SER D 1 -10.07 13.77 22.43
N ILE D 2 -9.30 13.08 21.59
CA ILE D 2 -9.62 12.87 20.19
C ILE D 2 -9.83 11.37 19.99
N VAL D 3 -11.06 10.97 19.71
CA VAL D 3 -11.39 9.58 19.40
C VAL D 3 -11.42 9.44 17.88
N VAL D 4 -10.48 8.66 17.33
CA VAL D 4 -10.36 8.43 15.90
C VAL D 4 -10.74 6.99 15.61
N GLU D 5 -11.66 6.80 14.66
CA GLU D 5 -12.12 5.48 14.23
C GLU D 5 -11.68 5.22 12.78
N TRP D 6 -11.18 4.02 12.51
CA TRP D 6 -10.76 3.68 11.15
C TRP D 6 -10.97 2.19 10.92
N THR D 7 -10.90 1.77 9.65
CA THR D 7 -10.94 0.37 9.28
C THR D 7 -9.75 0.02 8.40
N ASN D 8 -9.24 -1.21 8.55
CA ASN D 8 -8.20 -1.68 7.66
C ASN D 8 -8.85 -2.34 6.46
N ASN D 9 -8.79 -1.69 5.31
CA ASN D 9 -9.58 -2.08 4.17
C ASN D 9 -8.96 -3.26 3.43
N THR D 10 -7.93 -3.88 4.01
CA THR D 10 -7.34 -5.11 3.50
C THR D 10 -7.98 -6.37 4.07
N LEU D 11 -8.82 -6.24 5.08
CA LEU D 11 -9.41 -7.41 5.69
C LEU D 11 -10.51 -7.99 4.80
N PRO D 12 -10.57 -9.31 4.66
CA PRO D 12 -11.66 -9.91 3.87
C PRO D 12 -12.97 -9.74 4.60
N LEU D 13 -14.04 -9.69 3.82
CA LEU D 13 -15.34 -9.33 4.37
C LEU D 13 -16.03 -10.54 5.04
N GLU D 14 -16.06 -11.69 4.34
CA GLU D 14 -16.71 -12.90 4.83
C GLU D 14 -15.87 -14.10 4.37
N PRO D 15 -15.75 -15.13 5.21
CA PRO D 15 -16.28 -15.23 6.57
C PRO D 15 -15.50 -14.32 7.52
N CYS D 16 -15.96 -14.18 8.77
CA CYS D 16 -15.35 -13.37 9.81
C CYS D 16 -13.88 -13.72 9.98
N PRO D 17 -12.95 -12.85 9.58
CA PRO D 17 -11.52 -13.13 9.75
C PRO D 17 -11.04 -12.82 11.15
N LYS D 18 -11.62 -13.53 12.14
CA LYS D 18 -11.30 -13.23 13.53
C LYS D 18 -9.82 -13.43 13.83
N GLU D 19 -9.19 -14.41 13.17
CA GLU D 19 -7.79 -14.64 13.45
C GLU D 19 -6.92 -13.56 12.84
N GLN D 20 -7.31 -13.02 11.68
CA GLN D 20 -6.54 -11.93 11.09
C GLN D 20 -6.72 -10.63 11.88
N ILE D 21 -7.94 -10.36 12.33
CA ILE D 21 -8.22 -9.13 13.08
C ILE D 21 -7.50 -9.16 14.42
N ALA D 22 -7.42 -10.34 15.03
CA ALA D 22 -6.72 -10.47 16.31
C ALA D 22 -5.25 -10.09 16.15
N GLY D 23 -4.55 -10.69 15.19
CA GLY D 23 -3.17 -10.34 14.94
C GLY D 23 -2.96 -8.85 14.75
N LEU D 24 -3.82 -8.21 13.94
CA LEU D 24 -3.74 -6.76 13.77
C LEU D 24 -4.02 -6.02 15.06
N SER D 25 -4.87 -6.58 15.91
CA SER D 25 -5.23 -5.91 17.15
C SER D 25 -4.07 -5.94 18.13
N ARG D 26 -3.47 -7.12 18.31
CA ARG D 26 -2.37 -7.27 19.27
C ARG D 26 -1.09 -6.62 18.74
N ARG D 27 -1.05 -6.24 17.46
CA ARG D 27 0.16 -5.61 16.94
C ARG D 27 0.23 -4.15 17.35
N ILE D 28 -0.92 -3.51 17.58
CA ILE D 28 -0.96 -2.11 17.98
C ILE D 28 -1.33 -1.91 19.43
N ALA D 29 -1.94 -2.90 20.10
CA ALA D 29 -2.36 -2.79 21.49
C ALA D 29 -1.97 -4.05 22.26
N GLU D 30 -1.86 -3.90 23.58
CA GLU D 30 -1.55 -5.02 24.46
C GLU D 30 -2.88 -5.70 24.86
N ASP D 31 -2.90 -6.49 25.94
CA ASP D 31 -4.16 -7.15 26.30
C ASP D 31 -5.22 -6.13 26.69
N ASP D 32 -4.82 -5.07 27.39
CA ASP D 32 -5.73 -4.00 27.75
C ASP D 32 -5.69 -2.92 26.67
N GLY D 33 -6.01 -1.69 27.02
CA GLY D 33 -6.01 -0.66 25.99
C GLY D 33 -4.66 -0.11 25.56
N LYS D 34 -3.58 -0.48 26.23
CA LYS D 34 -2.31 0.22 26.09
C LYS D 34 -1.73 0.08 24.68
N PRO D 35 -1.45 1.19 24.00
CA PRO D 35 -0.81 1.08 22.67
C PRO D 35 0.63 0.59 22.79
N ARG D 36 1.02 -0.25 21.84
CA ARG D 36 2.38 -0.74 21.75
C ARG D 36 3.29 0.32 21.14
N PRO D 37 4.60 0.22 21.34
CA PRO D 37 5.49 1.27 20.82
C PRO D 37 5.43 1.43 19.32
N ALA D 38 5.14 0.37 18.57
CA ALA D 38 5.07 0.53 17.12
C ALA D 38 4.01 1.55 16.75
N PHE D 39 2.90 1.54 17.48
CA PHE D 39 1.82 2.47 17.24
C PHE D 39 2.09 3.81 17.87
N SER D 40 2.56 3.84 19.11
CA SER D 40 2.92 5.12 19.70
C SER D 40 3.99 5.83 18.87
N ASN D 41 5.06 5.12 18.52
CA ASN D 41 6.16 5.77 17.81
C ASN D 41 5.76 6.23 16.41
N ALA D 42 4.81 5.54 15.77
CA ALA D 42 4.37 5.95 14.44
C ALA D 42 3.52 7.21 14.49
N LEU D 43 2.66 7.34 15.51
CA LEU D 43 1.78 8.50 15.60
C LEU D 43 2.49 9.71 16.18
N GLU D 44 3.49 9.51 17.04
CA GLU D 44 4.33 10.59 17.55
C GLU D 44 5.06 11.29 16.41
N PRO D 45 5.45 12.55 16.58
CA PRO D 45 5.19 13.44 17.74
C PRO D 45 3.85 14.16 17.61
N ASP D 46 3.19 14.06 16.46
CA ASP D 46 2.01 14.88 16.24
C ASP D 46 0.85 14.44 17.11
N PHE D 47 0.77 13.15 17.41
CA PHE D 47 -0.36 12.57 18.13
C PHE D 47 0.19 11.61 19.18
N LYS D 48 -0.33 11.70 20.41
CA LYS D 48 0.09 10.80 21.49
C LYS D 48 -1.07 9.90 21.87
N ALA D 49 -0.90 8.59 21.63
CA ALA D 49 -1.99 7.64 21.84
C ALA D 49 -2.11 7.26 23.31
N THR D 50 -3.34 7.17 23.80
CA THR D 50 -3.58 6.75 25.17
C THR D 50 -4.21 5.37 25.26
N SER D 51 -5.24 5.08 24.45
CA SER D 51 -5.94 3.82 24.58
C SER D 51 -6.49 3.41 23.23
N ILE D 52 -6.43 2.11 22.96
CA ILE D 52 -6.89 1.56 21.70
C ILE D 52 -8.02 0.56 21.97
N THR D 53 -9.03 0.59 21.10
CA THR D 53 -10.18 -0.29 21.18
C THR D 53 -10.41 -0.92 19.81
N VAL D 54 -10.61 -2.23 19.77
CA VAL D 54 -10.89 -2.92 18.51
C VAL D 54 -12.13 -3.77 18.75
N THR D 55 -13.23 -3.38 18.13
CA THR D 55 -14.48 -4.11 18.23
C THR D 55 -14.87 -4.65 16.86
N GLY D 56 -15.60 -5.76 16.87
CA GLY D 56 -16.01 -6.40 15.63
C GLY D 56 -17.26 -5.80 15.04
N SER D 57 -17.42 -6.00 13.74
CA SER D 57 -18.55 -5.45 13.01
C SER D 57 -18.81 -6.32 11.79
N GLY D 58 -19.97 -6.13 11.18
CA GLY D 58 -20.27 -6.86 9.96
C GLY D 58 -20.34 -8.35 10.24
N SER D 59 -19.53 -9.13 9.53
CA SER D 59 -19.49 -10.56 9.77
C SER D 59 -18.95 -10.89 11.16
N CYS D 60 -18.26 -9.95 11.81
CA CYS D 60 -17.73 -10.13 13.16
C CYS D 60 -18.48 -9.26 14.17
N ARG D 61 -19.76 -8.97 13.93
CA ARG D 61 -20.52 -8.04 14.76
C ARG D 61 -20.63 -8.48 16.21
N HIS D 62 -20.45 -9.78 16.50
CA HIS D 62 -20.62 -10.31 17.84
C HIS D 62 -19.34 -10.33 18.68
N LEU D 63 -18.18 -10.30 18.04
CA LEU D 63 -16.92 -10.43 18.76
C LEU D 63 -16.38 -9.06 19.17
N GLN D 64 -15.49 -9.09 20.15
CA GLN D 64 -14.69 -7.94 20.54
C GLN D 64 -13.26 -8.40 20.80
N PHE D 65 -12.30 -7.58 20.38
CA PHE D 65 -10.92 -8.01 20.25
C PHE D 65 -9.97 -7.33 21.23
N ILE D 66 -10.12 -6.04 21.48
CA ILE D 66 -9.29 -5.34 22.44
C ILE D 66 -10.18 -4.59 23.42
N PRO D 67 -10.06 -4.84 24.75
CA PRO D 67 -10.86 -4.25 25.80
C PRO D 67 -10.55 -2.79 26.00
#